data_4NQN
#
_entry.id   4NQN
#
_cell.length_a   47.120
_cell.length_b   48.420
_cell.length_c   69.320
_cell.angle_alpha   90.000
_cell.angle_beta   90.000
_cell.angle_gamma   90.000
#
_symmetry.space_group_name_H-M   'P 21 21 21'
#
loop_
_entity.id
_entity.type
_entity.pdbx_description
1 polymer 'Bromodomain-containing protein 9'
2 non-polymer 2-chloro-N-[5-(3-methyl[1,2,4]triazolo[3,4-a]phthalazin-6-yl)-2-(morpholin-4-yl)phenyl]benzenesulfonamide
3 water water
#
_entity_poly.entity_id   1
_entity_poly.type   'polypeptide(L)'
_entity_poly.pdbx_seq_one_letter_code
;SMLKLSAENESTPIQQLLEHFLRQLQRKDPHGFFAFPVTDAIAPGYSMIIKHPMDFGTMKDKIVANEYKSVTEFKADFKL
MCDNAMTYNRPDTVYYKLAKKILHAGFKMMSKERLLALKRSMS
;
_entity_poly.pdbx_strand_id   A
#
loop_
_chem_comp.id
_chem_comp.type
_chem_comp.name
_chem_comp.formula
Y1Z non-polymer 2-chloro-N-[5-(3-methyl[1,2,4]triazolo[3,4-a]phthalazin-6-yl)-2-(morpholin-4-yl)phenyl]benzenesulfonamide 'C26 H23 Cl N6 O3 S'
#
# COMPACT_ATOMS: atom_id res chain seq x y z
N GLU A 10 8.69 16.20 15.46
CA GLU A 10 8.77 15.12 16.49
C GLU A 10 8.74 13.67 15.91
N SER A 11 8.59 13.50 14.59
CA SER A 11 8.43 12.16 14.00
C SER A 11 9.76 11.41 13.80
N THR A 12 9.68 10.11 13.93
CA THR A 12 10.87 9.26 13.87
C THR A 12 11.35 9.08 12.44
N PRO A 13 12.61 8.61 12.28
CA PRO A 13 13.09 8.37 10.92
C PRO A 13 12.19 7.42 10.08
N ILE A 14 11.78 6.29 10.68
CA ILE A 14 10.92 5.37 9.95
C ILE A 14 9.58 6.07 9.56
N GLN A 15 9.00 6.85 10.48
CA GLN A 15 7.66 7.48 10.17
C GLN A 15 7.86 8.46 9.01
N GLN A 16 8.96 9.20 9.03
CA GLN A 16 9.19 10.18 7.93
C GLN A 16 9.36 9.45 6.60
N LEU A 17 10.11 8.34 6.61
CA LEU A 17 10.34 7.57 5.38
C LEU A 17 9.04 6.95 4.84
N LEU A 18 8.30 6.33 5.74
CA LEU A 18 7.06 5.61 5.37
C LEU A 18 6.04 6.61 4.84
N GLU A 19 5.96 7.73 5.53
CA GLU A 19 5.09 8.78 5.06
C GLU A 19 5.42 9.27 3.62
N HIS A 20 6.69 9.37 3.33
CA HIS A 20 7.16 9.65 1.98
C HIS A 20 6.74 8.58 1.01
N PHE A 21 7.06 7.33 1.33
CA PHE A 21 6.65 6.18 0.47
C PHE A 21 5.14 6.17 0.23
N LEU A 22 4.37 6.43 1.27
CA LEU A 22 2.90 6.36 1.17
C LEU A 22 2.43 7.49 0.27
N ARG A 23 2.96 8.69 0.45
CA ARG A 23 2.54 9.80 -0.37
C ARG A 23 2.85 9.55 -1.82
N GLN A 24 4.05 9.00 -2.08
CA GLN A 24 4.49 8.77 -3.49
C GLN A 24 3.59 7.76 -4.15
N LEU A 25 3.26 6.69 -3.41
CA LEU A 25 2.46 5.63 -3.99
C LEU A 25 1.02 6.09 -4.15
N GLN A 26 0.50 6.79 -3.15
CA GLN A 26 -0.87 7.25 -3.24
C GLN A 26 -1.10 8.27 -4.39
N ARG A 27 -0.04 8.99 -4.79
CA ARG A 27 -0.06 9.90 -5.95
CA ARG A 27 -0.16 9.91 -5.92
C ARG A 27 -0.51 9.17 -7.23
N LYS A 28 -0.24 7.89 -7.28
CA LYS A 28 -0.54 7.08 -8.46
C LYS A 28 -2.02 6.65 -8.53
N ASP A 29 -2.77 7.01 -7.50
CA ASP A 29 -4.21 6.67 -7.38
C ASP A 29 -5.04 7.97 -7.29
N PRO A 30 -5.02 8.79 -8.34
CA PRO A 30 -5.74 10.09 -8.30
C PRO A 30 -7.20 9.95 -8.03
N HIS A 31 -7.81 8.85 -8.44
CA HIS A 31 -9.23 8.69 -8.21
C HIS A 31 -9.61 8.22 -6.80
N GLY A 32 -8.60 7.84 -6.01
CA GLY A 32 -8.86 7.45 -4.62
C GLY A 32 -9.52 6.10 -4.41
N PHE A 33 -9.34 5.19 -5.35
CA PHE A 33 -9.83 3.82 -5.27
C PHE A 33 -9.28 3.11 -4.04
N PHE A 34 -7.99 3.37 -3.70
CA PHE A 34 -7.25 2.63 -2.67
C PHE A 34 -7.22 3.44 -1.35
N ALA A 35 -7.96 4.55 -1.26
CA ALA A 35 -7.78 5.47 -0.15
C ALA A 35 -8.37 4.95 1.14
N PHE A 36 -9.53 4.29 1.05
CA PHE A 36 -10.28 3.86 2.20
C PHE A 36 -10.82 2.46 1.97
N PRO A 37 -11.27 1.78 3.06
CA PRO A 37 -11.69 0.37 2.83
C PRO A 37 -12.77 0.24 1.75
N VAL A 38 -12.63 -0.76 0.92
CA VAL A 38 -13.63 -1.05 -0.09
C VAL A 38 -14.84 -1.70 0.63
N THR A 39 -16.02 -1.24 0.28
CA THR A 39 -17.24 -1.75 0.85
C THR A 39 -17.89 -2.68 -0.17
N ASP A 40 -18.67 -3.63 0.30
CA ASP A 40 -19.51 -4.48 -0.59
C ASP A 40 -20.52 -3.71 -1.42
N ALA A 41 -21.01 -2.58 -0.90
CA ALA A 41 -21.86 -1.70 -1.67
C ALA A 41 -21.19 -1.17 -2.92
N ILE A 42 -19.89 -0.87 -2.80
CA ILE A 42 -19.12 -0.46 -3.96
C ILE A 42 -18.75 -1.67 -4.83
N ALA A 43 -18.29 -2.72 -4.17
CA ALA A 43 -17.69 -3.88 -4.84
C ALA A 43 -18.41 -5.14 -4.33
N PRO A 44 -19.50 -5.52 -5.02
CA PRO A 44 -20.29 -6.62 -4.51
C PRO A 44 -19.48 -7.88 -4.19
N GLY A 45 -19.80 -8.45 -3.04
CA GLY A 45 -19.21 -9.72 -2.62
C GLY A 45 -17.77 -9.57 -2.19
N TYR A 46 -17.30 -8.34 -2.05
CA TYR A 46 -15.85 -8.11 -1.80
C TYR A 46 -15.36 -8.91 -0.57
N SER A 47 -16.16 -8.83 0.48
CA SER A 47 -15.82 -9.44 1.74
C SER A 47 -15.85 -10.95 1.72
N MET A 48 -16.51 -11.55 0.72
CA MET A 48 -16.43 -13.02 0.53
C MET A 48 -15.16 -13.48 -0.18
N ILE A 49 -14.49 -12.56 -0.86
CA ILE A 49 -13.27 -12.90 -1.62
C ILE A 49 -12.02 -12.48 -0.80
N ILE A 50 -12.15 -11.34 -0.13
CA ILE A 50 -11.02 -10.69 0.61
C ILE A 50 -11.16 -10.84 2.15
N LYS A 51 -10.30 -11.69 2.69
CA LYS A 51 -10.25 -12.02 4.11
C LYS A 51 -9.54 -10.90 4.92
N HIS A 52 -8.55 -10.25 4.30
CA HIS A 52 -7.69 -9.33 5.05
C HIS A 52 -7.57 -8.05 4.26
N PRO A 53 -8.60 -7.21 4.37
CA PRO A 53 -8.61 -5.95 3.60
C PRO A 53 -7.48 -4.98 4.03
N MET A 54 -7.05 -4.14 3.10
CA MET A 54 -6.02 -3.12 3.38
C MET A 54 -6.23 -1.92 2.40
N ASP A 55 -5.85 -0.74 2.83
CA ASP A 55 -6.07 0.47 2.09
C ASP A 55 -5.07 1.50 2.57
N PHE A 56 -4.94 2.60 1.84
CA PHE A 56 -3.97 3.65 2.25
C PHE A 56 -4.25 4.30 3.58
N GLY A 57 -5.52 4.49 3.90
CA GLY A 57 -5.90 5.15 5.14
C GLY A 57 -5.47 4.33 6.36
N THR A 58 -5.67 3.03 6.27
CA THR A 58 -5.29 2.11 7.32
C THR A 58 -3.79 2.16 7.50
N MET A 59 -3.07 2.12 6.40
CA MET A 59 -1.61 2.24 6.45
CA MET A 59 -1.60 2.24 6.46
C MET A 59 -1.12 3.54 7.07
N LYS A 60 -1.70 4.66 6.66
CA LYS A 60 -1.38 5.95 7.26
C LYS A 60 -1.61 5.94 8.78
N ASP A 61 -2.74 5.43 9.21
CA ASP A 61 -3.01 5.34 10.64
C ASP A 61 -1.96 4.54 11.37
N LYS A 62 -1.49 3.47 10.74
CA LYS A 62 -0.48 2.62 11.35
C LYS A 62 0.84 3.36 11.44
N ILE A 63 1.18 4.12 10.41
CA ILE A 63 2.40 4.92 10.45
C ILE A 63 2.33 5.89 11.64
N VAL A 64 1.24 6.66 11.70
CA VAL A 64 1.07 7.71 12.72
C VAL A 64 1.08 7.11 14.12
N ALA A 65 0.53 5.90 14.21
CA ALA A 65 0.38 5.23 15.51
C ALA A 65 1.61 4.45 15.94
N ASN A 66 2.71 4.54 15.18
CA ASN A 66 3.94 3.79 15.50
C ASN A 66 3.69 2.27 15.56
N GLU A 67 2.90 1.75 14.62
CA GLU A 67 2.63 0.33 14.57
CA GLU A 67 2.62 0.33 14.56
C GLU A 67 3.59 -0.44 13.66
N TYR A 68 4.29 0.27 12.75
CA TYR A 68 5.25 -0.41 11.87
C TYR A 68 6.62 -0.32 12.55
N LYS A 69 7.23 -1.46 12.81
CA LYS A 69 8.56 -1.48 13.48
C LYS A 69 9.64 -1.79 12.48
N SER A 70 9.24 -1.91 11.21
CA SER A 70 10.18 -2.03 10.12
C SER A 70 9.54 -1.61 8.81
N VAL A 71 10.37 -1.31 7.84
CA VAL A 71 9.87 -1.00 6.52
C VAL A 71 9.29 -2.30 5.90
N THR A 72 9.91 -3.44 6.16
CA THR A 72 9.35 -4.74 5.74
C THR A 72 7.86 -4.90 6.14
N GLU A 73 7.47 -4.49 7.34
CA GLU A 73 6.05 -4.59 7.78
C GLU A 73 5.11 -3.72 6.98
N PHE A 74 5.57 -2.51 6.66
CA PHE A 74 4.84 -1.61 5.78
C PHE A 74 4.67 -2.21 4.41
N LYS A 75 5.77 -2.73 3.86
CA LYS A 75 5.76 -3.37 2.54
C LYS A 75 4.76 -4.52 2.50
N ALA A 76 4.64 -5.28 3.58
CA ALA A 76 3.68 -6.40 3.63
C ALA A 76 2.23 -5.90 3.53
N ASP A 77 1.91 -4.79 4.19
CA ASP A 77 0.57 -4.21 4.06
C ASP A 77 0.31 -3.66 2.68
N PHE A 78 1.33 -3.00 2.11
CA PHE A 78 1.20 -2.43 0.80
C PHE A 78 0.94 -3.54 -0.23
N LYS A 79 1.74 -4.59 -0.14
CA LYS A 79 1.60 -5.71 -1.06
C LYS A 79 0.26 -6.36 -0.87
N LEU A 80 -0.17 -6.50 0.37
CA LEU A 80 -1.53 -7.04 0.64
C LEU A 80 -2.64 -6.24 -0.05
N MET A 81 -2.54 -4.91 0.03
CA MET A 81 -3.54 -4.06 -0.59
C MET A 81 -3.58 -4.32 -2.11
N CYS A 82 -2.43 -4.39 -2.73
CA CYS A 82 -2.35 -4.58 -4.20
C CYS A 82 -2.80 -5.99 -4.58
N ASP A 83 -2.33 -6.98 -3.83
CA ASP A 83 -2.77 -8.40 -4.02
C ASP A 83 -4.27 -8.55 -3.94
N ASN A 84 -4.89 -7.91 -2.93
CA ASN A 84 -6.33 -7.99 -2.79
C ASN A 84 -7.07 -7.52 -4.04
N ALA A 85 -6.61 -6.42 -4.63
CA ALA A 85 -7.20 -5.85 -5.84
C ALA A 85 -6.99 -6.84 -7.00
N MET A 86 -5.83 -7.47 -7.05
CA MET A 86 -5.52 -8.42 -8.15
C MET A 86 -6.22 -9.77 -7.93
N THR A 87 -6.82 -9.95 -6.76
CA THR A 87 -7.57 -11.16 -6.42
C THR A 87 -9.06 -10.98 -6.62
N TYR A 88 -9.61 -9.89 -6.09
CA TYR A 88 -11.05 -9.62 -6.31
C TYR A 88 -11.38 -9.34 -7.80
N ASN A 89 -10.58 -8.49 -8.42
CA ASN A 89 -10.81 -8.10 -9.80
C ASN A 89 -10.18 -9.03 -10.83
N ARG A 90 -10.88 -9.20 -11.96
CA ARG A 90 -10.31 -9.92 -13.08
CA ARG A 90 -10.33 -9.94 -13.08
C ARG A 90 -9.27 -9.05 -13.79
N PRO A 91 -8.33 -9.68 -14.53
CA PRO A 91 -7.22 -8.96 -15.18
C PRO A 91 -7.60 -7.78 -16.08
N ASP A 92 -8.68 -7.89 -16.84
CA ASP A 92 -9.11 -6.79 -17.71
C ASP A 92 -10.00 -5.75 -17.01
N THR A 93 -9.49 -5.17 -15.91
CA THR A 93 -10.24 -4.14 -15.18
C THR A 93 -9.27 -3.02 -14.77
N VAL A 94 -9.78 -1.80 -14.56
CA VAL A 94 -8.90 -0.68 -14.17
C VAL A 94 -8.20 -1.04 -12.83
N TYR A 95 -8.96 -1.65 -11.94
CA TYR A 95 -8.46 -1.92 -10.54
C TYR A 95 -7.31 -2.93 -10.52
N TYR A 96 -7.40 -4.00 -11.32
CA TYR A 96 -6.35 -5.00 -11.36
C TYR A 96 -5.13 -4.36 -12.01
N LYS A 97 -5.34 -3.66 -13.13
CA LYS A 97 -4.20 -3.00 -13.84
C LYS A 97 -3.44 -1.94 -13.00
N LEU A 98 -4.19 -1.10 -12.32
CA LEU A 98 -3.61 -0.07 -11.48
C LEU A 98 -2.84 -0.73 -10.30
N ALA A 99 -3.47 -1.71 -9.67
CA ALA A 99 -2.79 -2.41 -8.57
C ALA A 99 -1.47 -3.02 -9.00
N LYS A 100 -1.44 -3.58 -10.21
CA LYS A 100 -0.20 -4.16 -10.69
C LYS A 100 0.89 -3.13 -10.85
N LYS A 101 0.55 -1.98 -11.49
CA LYS A 101 1.45 -0.84 -11.68
CA LYS A 101 1.49 -0.87 -11.69
C LYS A 101 1.99 -0.27 -10.37
N ILE A 102 1.09 -0.03 -9.43
CA ILE A 102 1.50 0.50 -8.12
C ILE A 102 2.39 -0.50 -7.35
N LEU A 103 2.01 -1.75 -7.37
CA LEU A 103 2.86 -2.76 -6.72
C LEU A 103 4.29 -2.78 -7.27
N HIS A 104 4.43 -2.80 -8.61
CA HIS A 104 5.71 -2.80 -9.26
C HIS A 104 6.57 -1.60 -8.90
N ALA A 105 5.95 -0.41 -8.89
CA ALA A 105 6.64 0.82 -8.52
C ALA A 105 7.08 0.76 -7.07
N GLY A 106 6.18 0.37 -6.18
CA GLY A 106 6.48 0.26 -4.75
C GLY A 106 7.62 -0.72 -4.46
N PHE A 107 7.59 -1.86 -5.13
CA PHE A 107 8.56 -2.90 -4.96
C PHE A 107 9.97 -2.35 -5.37
N LYS A 108 10.02 -1.55 -6.43
CA LYS A 108 11.31 -0.94 -6.87
C LYS A 108 11.77 0.15 -5.92
N MET A 109 10.84 1.05 -5.58
CA MET A 109 11.14 2.20 -4.67
C MET A 109 11.62 1.74 -3.32
N MET A 110 11.08 0.63 -2.84
CA MET A 110 11.34 0.15 -1.50
C MET A 110 12.19 -1.12 -1.52
N SER A 111 13.05 -1.27 -2.54
CA SER A 111 13.85 -2.49 -2.68
C SER A 111 14.81 -2.67 -1.50
N LYS A 112 15.22 -3.90 -1.24
CA LYS A 112 16.12 -4.13 -0.14
C LYS A 112 17.44 -3.32 -0.31
N GLU A 113 17.92 -3.22 -1.53
CA GLU A 113 19.18 -2.50 -1.81
C GLU A 113 19.05 -1.00 -1.49
N ARG A 114 17.90 -0.41 -1.85
CA ARG A 114 17.68 1.01 -1.59
C ARG A 114 17.53 1.26 -0.10
N LEU A 115 16.81 0.37 0.60
CA LEU A 115 16.62 0.52 2.03
C LEU A 115 17.96 0.37 2.80
N LEU A 116 18.81 -0.51 2.32
CA LEU A 116 20.14 -0.67 2.91
C LEU A 116 20.95 0.65 2.75
N ALA A 117 20.93 1.24 1.54
CA ALA A 117 21.58 2.52 1.30
C ALA A 117 21.04 3.59 2.25
N LEU A 118 19.74 3.67 2.40
CA LEU A 118 19.11 4.68 3.26
C LEU A 118 19.57 4.50 4.71
N LYS A 119 19.57 3.25 5.16
CA LYS A 119 19.96 2.96 6.55
C LYS A 119 21.42 3.35 6.79
N ARG A 120 22.31 2.88 5.93
CA ARG A 120 23.73 3.23 5.97
C ARG A 120 24.01 4.73 5.97
N SER A 121 23.19 5.53 5.29
CA SER A 121 23.44 6.97 5.18
C SER A 121 23.31 7.77 6.50
N MET A 122 22.65 7.19 7.50
CA MET A 122 22.26 7.94 8.69
C MET A 122 23.44 8.29 9.61
OBD Y1Z B . -16.48 5.72 -9.08
SBB Y1Z B . -16.01 4.42 -8.60
OBC Y1Z B . -15.23 3.75 -9.61
CBE Y1Z B . -17.25 3.48 -8.09
CBF Y1Z B . -17.43 2.24 -8.69
CBG Y1Z B . -18.44 1.38 -8.29
CBH Y1Z B . -19.33 1.79 -7.30
CBI Y1Z B . -19.17 3.01 -6.67
CBJ Y1Z B . -18.12 3.85 -7.06
CL Y1Z B . -18.03 5.43 -6.27
NAU Y1Z B . -15.03 4.82 -7.36
CAS Y1Z B . -14.42 3.92 -6.53
CAR Y1Z B . -14.26 4.34 -5.19
NAV Y1Z B . -14.62 5.67 -4.85
CBA Y1Z B . -15.38 5.87 -3.63
CAZ Y1Z B . -15.80 7.34 -3.50
OAY Y1Z B . -14.64 8.16 -3.62
CAX Y1Z B . -13.95 8.07 -4.90
CAW Y1Z B . -13.50 6.64 -5.12
CAQ Y1Z B . -13.68 3.49 -4.23
CAP Y1Z B . -13.34 2.20 -4.59
CAO Y1Z B . -13.52 1.78 -5.91
CAT Y1Z B . -14.09 2.64 -6.85
CAG Y1Z B . -13.10 0.39 -6.14
CAD Y1Z B . -13.82 -0.62 -6.87
CAC Y1Z B . -15.09 -0.36 -7.38
CAB Y1Z B . -15.74 -1.41 -8.08
CAA Y1Z B . -15.17 -2.68 -8.25
CAF Y1Z B . -13.90 -2.95 -7.70
CAE Y1Z B . -13.25 -1.91 -7.01
CAJ Y1Z B . -11.99 -2.12 -6.42
NAI Y1Z B . -11.36 -1.14 -5.73
NAH Y1Z B . -11.85 0.16 -5.67
NAM Y1Z B . -11.22 -3.21 -6.31
NAL Y1Z B . -10.03 -2.82 -5.61
CAK Y1Z B . -10.15 -1.54 -5.28
CAN Y1Z B . -9.16 -0.73 -4.48
#